data_4S29
#
_entry.id   4S29
#
_cell.length_a   107.292
_cell.length_b   107.292
_cell.length_c   87.845
_cell.angle_alpha   90.00
_cell.angle_beta   90.00
_cell.angle_gamma   120.00
#
_symmetry.space_group_name_H-M   'P 32 2 1'
#
loop_
_entity.id
_entity.type
_entity.pdbx_description
1 polymer 'Phosphomethylpyrimidine synthase, chloroplastic'
2 non-polymer 1-(5-O-phosphono-beta-D-ribofuranosyl)-1H-imidazole
3 non-polymer 'FE (II) ION'
4 non-polymer 1,4-BUTANEDIOL
5 water water
#
_entity_poly.entity_id   1
_entity_poly.type   'polypeptide(L)'
_entity_poly.pdbx_seq_one_letter_code
;GHMKHTIDPSSPDFQPIPSFEECFPKSTKEHKEVVHEESGHVLKVPFRRVHLSGGEPAFDNYDTSGPQNVNAHIGLAKLR
KEWIDRREKLGTPRYTQMYYAKQGIITEEMLYCATREKLDPEFVRSEVARGRAIIPSNKKHLELEPMIVGRKFLVKVNAN
IGNSAVASSIEEEVYKVQWATMWGADTIMDLSTGRHIHETREWILRNSAVPVGTVPIYQALEKVDGIAENLNWEVFRETL
IEQAEQGVDYFTIHAGVLLRYIPLTAKRLTGIVSRGGSIHAKWCLAYHKENFAYEHWDDILDICNQYDVALSIGDGLRPG
SIYDANDTAQFAELLTQGELTRRAWEKDVQVMNEGPGHVPMHKIPENMQKQLEWCNEAPFYTLGPLTTDIAPGYDHITSA
IGAANIGALGTALLCYVTPKEHLGLPNRDDVKAGVIAYKIAAHAADLAKQHPHAQAWDDALSKARFEFRWMDQFALSLDP
MTAMSFHDETLPADGAKVAHFCSMCGPKFCSMKITEDIRKYAEENGYGSAEEAIRQGMDAMSEEFNIAKKTISGEQHGEV
GGEIYLPESYVKAAQK
;
_entity_poly.pdbx_strand_id   A
#
loop_
_chem_comp.id
_chem_comp.type
_chem_comp.name
_chem_comp.formula
BU1 non-polymer 1,4-BUTANEDIOL 'C4 H10 O2'
FE2 non-polymer 'FE (II) ION' 'Fe 2'
IRN RNA linking 1-(5-O-phosphono-beta-D-ribofuranosyl)-1H-imidazole 'C8 H13 N2 O7 P'
#
# COMPACT_ATOMS: atom_id res chain seq x y z
N PRO A 18 -7.10 21.58 6.92
CA PRO A 18 -8.27 21.99 6.16
C PRO A 18 -9.30 20.87 6.03
N SER A 19 -10.56 21.25 5.82
CA SER A 19 -11.66 20.29 5.71
C SER A 19 -11.72 19.68 4.32
N PHE A 20 -12.47 18.59 4.19
CA PHE A 20 -12.73 17.97 2.89
C PHE A 20 -13.26 19.00 1.89
N GLU A 21 -14.20 19.83 2.33
CA GLU A 21 -14.84 20.82 1.48
C GLU A 21 -13.85 21.88 1.01
N GLU A 22 -12.90 22.22 1.88
CA GLU A 22 -11.87 23.18 1.53
C GLU A 22 -10.87 22.60 0.54
N CYS A 23 -10.57 21.31 0.67
CA CYS A 23 -9.64 20.64 -0.24
C CYS A 23 -10.29 20.35 -1.59
N PHE A 24 -11.59 20.05 -1.57
CA PHE A 24 -12.29 19.63 -2.77
C PHE A 24 -13.60 20.41 -2.95
N PRO A 25 -13.49 21.69 -3.28
CA PRO A 25 -14.68 22.50 -3.50
C PRO A 25 -15.59 21.88 -4.58
N LYS A 26 -16.90 21.92 -4.32
N LYS A 26 -16.91 21.94 -4.35
CA LYS A 26 -17.94 21.36 -5.19
CA LYS A 26 -17.93 21.36 -5.23
C LYS A 26 -18.05 19.84 -5.13
C LYS A 26 -18.01 19.84 -5.17
N SER A 27 -17.23 19.20 -4.31
CA SER A 27 -17.33 17.74 -4.12
C SER A 27 -18.11 17.41 -2.87
N THR A 28 -18.85 16.31 -2.91
CA THR A 28 -19.49 15.78 -1.71
C THR A 28 -19.06 14.33 -1.48
N LYS A 29 -18.98 13.94 -0.22
CA LYS A 29 -18.75 12.54 0.10
C LYS A 29 -20.08 11.80 0.01
N GLU A 30 -20.05 10.64 -0.66
CA GLU A 30 -21.23 9.84 -0.86
C GLU A 30 -20.92 8.38 -0.56
N HIS A 31 -21.95 7.55 -0.51
CA HIS A 31 -21.77 6.13 -0.35
C HIS A 31 -22.77 5.38 -1.21
N LYS A 32 -22.30 4.31 -1.86
N LYS A 32 -22.29 4.30 -1.84
CA LYS A 32 -23.18 3.44 -2.61
CA LYS A 32 -23.14 3.41 -2.59
C LYS A 32 -23.56 2.26 -1.73
C LYS A 32 -23.56 2.25 -1.69
N GLU A 33 -24.85 2.08 -1.49
N GLU A 33 -24.87 2.05 -1.55
CA GLU A 33 -25.32 0.99 -0.65
CA GLU A 33 -25.39 1.00 -0.69
C GLU A 33 -25.56 -0.28 -1.46
C GLU A 33 -25.61 -0.30 -1.46
N VAL A 34 -24.97 -1.37 -1.00
N VAL A 34 -25.00 -1.38 -0.97
CA VAL A 34 -25.19 -2.68 -1.60
CA VAL A 34 -25.15 -2.69 -1.59
C VAL A 34 -25.41 -3.69 -0.48
C VAL A 34 -25.30 -3.76 -0.51
N VAL A 35 -26.14 -4.76 -0.79
CA VAL A 35 -26.41 -5.82 0.19
C VAL A 35 -25.56 -7.04 -0.08
N HIS A 36 -24.88 -7.51 0.96
CA HIS A 36 -24.16 -8.77 0.88
C HIS A 36 -25.18 -9.89 1.04
N GLU A 37 -25.44 -10.60 -0.05
CA GLU A 37 -26.58 -11.53 -0.14
C GLU A 37 -26.57 -12.62 0.93
N GLU A 38 -25.42 -13.24 1.16
CA GLU A 38 -25.36 -14.36 2.10
C GLU A 38 -25.67 -13.97 3.55
N SER A 39 -25.25 -12.76 3.94
CA SER A 39 -25.39 -12.34 5.33
C SER A 39 -26.54 -11.37 5.56
N GLY A 40 -26.97 -10.67 4.50
CA GLY A 40 -27.93 -9.60 4.65
C GLY A 40 -27.28 -8.30 5.13
N HIS A 41 -25.96 -8.29 5.28
CA HIS A 41 -25.28 -7.08 5.74
C HIS A 41 -25.33 -5.99 4.66
N VAL A 42 -25.62 -4.77 5.08
CA VAL A 42 -25.67 -3.63 4.17
C VAL A 42 -24.32 -2.93 4.19
N LEU A 43 -23.73 -2.77 3.01
CA LEU A 43 -22.42 -2.14 2.89
C LEU A 43 -22.59 -0.74 2.34
N LYS A 44 -21.82 0.21 2.87
CA LYS A 44 -21.86 1.59 2.39
C LYS A 44 -20.50 1.96 1.81
N VAL A 45 -20.39 1.88 0.49
CA VAL A 45 -19.10 1.96 -0.17
C VAL A 45 -18.83 3.41 -0.59
N PRO A 46 -17.74 4.00 -0.09
CA PRO A 46 -17.54 5.44 -0.28
C PRO A 46 -17.18 5.82 -1.71
N PHE A 47 -17.63 7.00 -2.12
CA PHE A 47 -17.13 7.63 -3.34
C PHE A 47 -17.30 9.14 -3.19
N ARG A 48 -16.72 9.90 -4.09
N ARG A 48 -16.75 9.90 -4.14
CA ARG A 48 -16.99 11.31 -4.08
CA ARG A 48 -16.81 11.36 -4.11
C ARG A 48 -17.79 11.66 -5.32
C ARG A 48 -17.49 11.92 -5.37
N ARG A 49 -18.53 12.75 -5.19
CA ARG A 49 -19.30 13.25 -6.32
C ARG A 49 -18.91 14.71 -6.56
N VAL A 50 -18.45 15.00 -7.78
CA VAL A 50 -18.06 16.35 -8.14
C VAL A 50 -19.21 17.00 -8.88
N HIS A 51 -19.77 18.05 -8.30
CA HIS A 51 -20.96 18.70 -8.84
C HIS A 51 -20.55 19.75 -9.86
N LEU A 52 -21.09 19.62 -11.07
CA LEU A 52 -20.66 20.44 -12.19
C LEU A 52 -21.77 21.37 -12.66
N SER A 53 -21.41 22.26 -13.57
CA SER A 53 -22.34 23.28 -14.07
C SER A 53 -22.69 22.99 -15.51
N GLY A 54 -23.49 23.88 -16.10
CA GLY A 54 -23.77 23.83 -17.52
C GLY A 54 -24.44 22.56 -18.03
N GLY A 55 -25.24 21.92 -17.19
CA GLY A 55 -25.95 20.73 -17.61
C GLY A 55 -25.11 19.47 -17.65
N GLU A 56 -23.87 19.54 -17.19
CA GLU A 56 -23.07 18.33 -17.08
C GLU A 56 -23.55 17.47 -15.92
N PRO A 57 -23.57 16.15 -16.11
N PRO A 57 -23.58 16.15 -16.10
CA PRO A 57 -23.85 15.25 -14.98
CA PRO A 57 -23.90 15.30 -14.96
C PRO A 57 -22.75 15.36 -13.94
C PRO A 57 -22.76 15.34 -13.96
N ALA A 58 -23.07 15.15 -12.68
CA ALA A 58 -22.05 15.11 -11.65
C ALA A 58 -21.09 13.98 -11.95
N PHE A 59 -19.81 14.16 -11.60
CA PHE A 59 -18.80 13.16 -11.90
C PHE A 59 -18.42 12.41 -10.63
N ASP A 60 -18.56 11.09 -10.66
CA ASP A 60 -18.28 10.27 -9.48
C ASP A 60 -16.87 9.70 -9.55
N ASN A 61 -16.15 9.83 -8.44
CA ASN A 61 -14.77 9.38 -8.38
C ASN A 61 -14.47 8.60 -7.10
N TYR A 62 -13.31 7.97 -7.08
CA TYR A 62 -12.85 7.17 -5.95
C TYR A 62 -12.62 8.09 -4.74
N ASP A 63 -12.71 7.54 -3.54
CA ASP A 63 -12.55 8.33 -2.33
C ASP A 63 -11.94 7.49 -1.21
N THR A 64 -10.72 7.82 -0.80
CA THR A 64 -10.07 7.13 0.32
C THR A 64 -10.04 7.96 1.59
N SER A 65 -10.59 9.18 1.54
CA SER A 65 -10.42 10.14 2.64
C SER A 65 -11.05 9.70 3.97
N GLY A 66 -12.02 8.79 3.89
CA GLY A 66 -12.61 8.20 5.08
C GLY A 66 -13.57 9.13 5.80
N PRO A 67 -14.16 8.66 6.91
CA PRO A 67 -15.11 9.47 7.67
C PRO A 67 -14.44 10.75 8.19
N GLN A 68 -15.16 11.86 8.07
CA GLN A 68 -14.61 13.17 8.41
C GLN A 68 -15.08 13.66 9.77
N ASN A 69 -14.27 14.50 10.40
CA ASN A 69 -14.62 15.17 11.65
C ASN A 69 -14.88 14.21 12.82
N VAL A 70 -14.17 13.08 12.84
CA VAL A 70 -14.32 12.13 13.93
C VAL A 70 -13.27 12.38 15.01
N ASN A 71 -13.73 12.44 16.25
CA ASN A 71 -12.86 12.62 17.41
C ASN A 71 -11.87 11.46 17.50
N ALA A 72 -10.57 11.77 17.42
CA ALA A 72 -9.54 10.74 17.43
C ALA A 72 -9.49 9.98 18.75
N HIS A 73 -9.98 10.60 19.82
CA HIS A 73 -10.00 9.95 21.13
C HIS A 73 -11.08 8.87 21.17
N ILE A 74 -12.04 8.96 20.27
CA ILE A 74 -13.12 7.97 20.16
C ILE A 74 -12.78 6.94 19.09
N GLY A 75 -12.24 7.42 17.97
CA GLY A 75 -11.88 6.55 16.86
C GLY A 75 -13.02 6.36 15.87
N LEU A 76 -12.70 5.76 14.74
CA LEU A 76 -13.68 5.55 13.68
C LEU A 76 -14.67 4.45 14.03
N ALA A 77 -15.84 4.49 13.40
CA ALA A 77 -16.84 3.43 13.54
C ALA A 77 -16.23 2.09 13.14
N LYS A 78 -16.59 1.05 13.89
CA LYS A 78 -16.10 -0.28 13.61
C LYS A 78 -17.01 -0.97 12.58
N LEU A 79 -16.94 -0.48 11.35
CA LEU A 79 -17.89 -0.86 10.31
C LEU A 79 -17.88 -2.35 9.95
N ARG A 80 -16.75 -3.02 10.18
CA ARG A 80 -16.64 -4.43 9.81
C ARG A 80 -17.07 -5.39 10.93
N LYS A 81 -17.46 -4.86 12.08
CA LYS A 81 -17.69 -5.70 13.25
C LYS A 81 -18.67 -6.83 13.00
N GLU A 82 -19.82 -6.54 12.39
CA GLU A 82 -20.83 -7.59 12.21
C GLU A 82 -20.35 -8.64 11.20
N TRP A 83 -19.49 -8.24 10.27
CA TRP A 83 -18.95 -9.19 9.30
C TRP A 83 -18.05 -10.20 10.01
N ILE A 84 -17.13 -9.68 10.83
CA ILE A 84 -16.17 -10.52 11.54
C ILE A 84 -16.88 -11.41 12.56
N ASP A 85 -17.85 -10.83 13.28
CA ASP A 85 -18.60 -11.58 14.29
C ASP A 85 -19.37 -12.74 13.67
N ARG A 86 -20.01 -12.49 12.53
CA ARG A 86 -20.77 -13.54 11.86
C ARG A 86 -19.87 -14.69 11.39
N ARG A 87 -18.72 -14.36 10.81
CA ARG A 87 -17.83 -15.41 10.36
C ARG A 87 -17.26 -16.21 11.53
N GLU A 88 -16.98 -15.54 12.64
CA GLU A 88 -16.50 -16.27 13.81
C GLU A 88 -17.57 -17.22 14.35
N LYS A 89 -18.82 -16.77 14.36
N LYS A 89 -18.81 -16.77 14.37
CA LYS A 89 -19.92 -17.61 14.85
CA LYS A 89 -19.92 -17.60 14.84
C LYS A 89 -20.18 -18.81 13.95
C LYS A 89 -20.13 -18.82 13.95
N LEU A 90 -19.98 -18.63 12.65
CA LEU A 90 -20.12 -19.74 11.70
C LEU A 90 -18.99 -20.75 11.92
N GLY A 91 -17.80 -20.23 12.24
CA GLY A 91 -16.64 -21.07 12.49
C GLY A 91 -15.83 -21.27 11.23
N THR A 92 -14.51 -21.18 11.35
CA THR A 92 -13.65 -21.32 10.20
C THR A 92 -12.24 -21.70 10.65
N PRO A 93 -11.53 -22.52 9.86
CA PRO A 93 -10.17 -22.93 10.21
C PRO A 93 -9.14 -21.84 9.91
N ARG A 94 -9.43 -21.00 8.92
CA ARG A 94 -8.53 -19.91 8.52
C ARG A 94 -9.37 -18.69 8.26
N TYR A 95 -8.78 -17.52 8.40
CA TYR A 95 -9.53 -16.27 8.38
C TYR A 95 -9.19 -15.35 7.20
N THR A 96 -8.42 -15.86 6.23
CA THR A 96 -7.94 -14.99 5.15
C THR A 96 -8.92 -14.88 3.99
N GLN A 97 -8.87 -13.75 3.28
CA GLN A 97 -9.72 -13.58 2.11
C GLN A 97 -9.41 -14.64 1.05
N MET A 98 -8.15 -15.05 0.96
CA MET A 98 -7.80 -16.12 0.03
C MET A 98 -8.45 -17.45 0.42
N TYR A 99 -8.44 -17.79 1.71
CA TYR A 99 -9.11 -18.99 2.16
C TYR A 99 -10.59 -18.96 1.77
N TYR A 100 -11.27 -17.85 2.07
CA TYR A 100 -12.69 -17.75 1.78
C TYR A 100 -12.92 -17.83 0.27
N ALA A 101 -12.11 -17.11 -0.50
CA ALA A 101 -12.24 -17.12 -1.96
C ALA A 101 -12.11 -18.54 -2.52
N LYS A 102 -11.15 -19.30 -2.01
CA LYS A 102 -10.93 -20.66 -2.50
C LYS A 102 -12.07 -21.60 -2.11
N GLN A 103 -12.82 -21.26 -1.07
CA GLN A 103 -14.01 -22.00 -0.70
C GLN A 103 -15.22 -21.65 -1.57
N GLY A 104 -15.05 -20.66 -2.45
CA GLY A 104 -16.15 -20.20 -3.28
C GLY A 104 -17.01 -19.15 -2.60
N ILE A 105 -16.52 -18.58 -1.51
CA ILE A 105 -17.29 -17.61 -0.76
C ILE A 105 -16.96 -16.19 -1.20
N ILE A 106 -17.99 -15.43 -1.53
CA ILE A 106 -17.85 -14.00 -1.76
C ILE A 106 -18.13 -13.31 -0.43
N THR A 107 -17.09 -12.73 0.16
CA THR A 107 -17.21 -12.07 1.46
C THR A 107 -17.69 -10.63 1.32
N GLU A 108 -18.03 -10.01 2.45
CA GLU A 108 -18.36 -8.59 2.44
C GLU A 108 -17.21 -7.78 1.86
N GLU A 109 -15.98 -8.13 2.25
CA GLU A 109 -14.81 -7.39 1.76
C GLU A 109 -14.73 -7.46 0.24
N MET A 110 -14.97 -8.65 -0.32
CA MET A 110 -14.92 -8.81 -1.77
C MET A 110 -16.00 -8.00 -2.48
N LEU A 111 -17.22 -8.04 -1.95
CA LEU A 111 -18.31 -7.27 -2.53
C LEU A 111 -18.04 -5.77 -2.42
N TYR A 112 -17.49 -5.36 -1.29
CA TYR A 112 -17.16 -3.94 -1.06
C TYR A 112 -16.16 -3.47 -2.11
N CYS A 113 -15.09 -4.25 -2.30
CA CYS A 113 -14.07 -3.92 -3.29
C CYS A 113 -14.62 -3.93 -4.70
N ALA A 114 -15.43 -4.95 -5.02
CA ALA A 114 -16.06 -5.03 -6.35
C ALA A 114 -16.88 -3.77 -6.63
N THR A 115 -17.68 -3.36 -5.65
CA THR A 115 -18.50 -2.17 -5.81
C THR A 115 -17.61 -0.95 -6.01
N ARG A 116 -16.56 -0.85 -5.21
CA ARG A 116 -15.63 0.28 -5.24
C ARG A 116 -14.90 0.39 -6.58
N GLU A 117 -14.68 -0.76 -7.22
CA GLU A 117 -13.94 -0.86 -8.48
C GLU A 117 -14.85 -0.93 -9.70
N LYS A 118 -16.16 -0.95 -9.46
CA LYS A 118 -17.16 -1.12 -10.53
C LYS A 118 -16.92 -2.39 -11.36
N LEU A 119 -16.61 -3.48 -10.66
CA LEU A 119 -16.37 -4.76 -11.29
C LEU A 119 -17.21 -5.84 -10.60
N ASP A 120 -17.26 -7.02 -11.19
CA ASP A 120 -18.11 -8.10 -10.70
C ASP A 120 -17.53 -8.74 -9.42
N PRO A 121 -18.39 -8.98 -8.42
CA PRO A 121 -17.91 -9.66 -7.19
C PRO A 121 -17.24 -11.02 -7.45
N GLU A 122 -17.76 -11.80 -8.39
CA GLU A 122 -17.13 -13.09 -8.71
C GLU A 122 -15.74 -12.88 -9.30
N PHE A 123 -15.56 -11.81 -10.06
CA PHE A 123 -14.25 -11.50 -10.62
C PHE A 123 -13.25 -11.20 -9.50
N VAL A 124 -13.69 -10.41 -8.53
CA VAL A 124 -12.86 -10.14 -7.36
C VAL A 124 -12.50 -11.43 -6.61
N ARG A 125 -13.49 -12.28 -6.38
CA ARG A 125 -13.22 -13.55 -5.70
C ARG A 125 -12.19 -14.37 -6.47
N SER A 126 -12.34 -14.43 -7.78
CA SER A 126 -11.44 -15.21 -8.63
C SER A 126 -10.00 -14.68 -8.54
N GLU A 127 -9.84 -13.36 -8.64
CA GLU A 127 -8.52 -12.75 -8.57
C GLU A 127 -7.83 -13.01 -7.23
N VAL A 128 -8.60 -12.93 -6.15
CA VAL A 128 -8.05 -13.20 -4.83
C VAL A 128 -7.68 -14.69 -4.68
N ALA A 129 -8.57 -15.57 -5.13
CA ALA A 129 -8.32 -17.00 -5.03
C ALA A 129 -7.07 -17.43 -5.78
N ARG A 130 -6.81 -16.83 -6.93
CA ARG A 130 -5.67 -17.25 -7.74
C ARG A 130 -4.38 -16.55 -7.32
N GLY A 131 -4.47 -15.63 -6.35
CA GLY A 131 -3.30 -14.93 -5.83
C GLY A 131 -2.89 -13.69 -6.60
N ARG A 132 -3.72 -13.26 -7.56
CA ARG A 132 -3.37 -12.13 -8.44
C ARG A 132 -3.88 -10.79 -7.89
N ALA A 133 -4.62 -10.84 -6.78
CA ALA A 133 -5.06 -9.64 -6.08
C ALA A 133 -5.15 -9.95 -4.61
N ILE A 134 -4.93 -8.94 -3.77
CA ILE A 134 -5.10 -9.09 -2.34
C ILE A 134 -6.00 -8.00 -1.76
N ILE A 135 -6.67 -8.34 -0.68
CA ILE A 135 -7.52 -7.40 0.06
C ILE A 135 -6.97 -7.35 1.47
N PRO A 136 -6.05 -6.41 1.74
CA PRO A 136 -5.39 -6.39 3.06
C PRO A 136 -6.39 -5.93 4.11
N SER A 137 -6.77 -6.82 5.02
CA SER A 137 -7.95 -6.59 5.84
C SER A 137 -7.95 -7.45 7.10
N ASN A 138 -6.95 -7.23 7.95
CA ASN A 138 -6.85 -7.90 9.25
C ASN A 138 -8.20 -7.79 9.97
N LYS A 139 -8.69 -8.90 10.51
CA LYS A 139 -10.00 -8.91 11.15
C LYS A 139 -10.08 -8.00 12.38
N LYS A 140 -8.92 -7.60 12.91
CA LYS A 140 -8.86 -6.68 14.04
C LYS A 140 -8.86 -5.21 13.60
N HIS A 141 -8.77 -4.95 12.30
CA HIS A 141 -8.87 -3.59 11.81
C HIS A 141 -10.33 -3.34 11.39
N LEU A 142 -11.20 -3.20 12.38
CA LEU A 142 -12.64 -3.11 12.11
C LEU A 142 -13.05 -1.79 11.46
N GLU A 143 -12.18 -0.78 11.55
CA GLU A 143 -12.44 0.56 11.03
C GLU A 143 -12.21 0.67 9.52
N LEU A 144 -11.58 -0.35 8.95
CA LEU A 144 -11.17 -0.36 7.55
C LEU A 144 -12.32 -0.33 6.56
N GLU A 145 -12.22 0.56 5.57
CA GLU A 145 -13.03 0.52 4.35
C GLU A 145 -12.26 -0.33 3.34
N PRO A 146 -12.75 -1.56 3.02
CA PRO A 146 -11.92 -2.45 2.21
C PRO A 146 -11.54 -1.91 0.83
N MET A 147 -10.33 -2.26 0.42
CA MET A 147 -9.81 -1.94 -0.90
C MET A 147 -9.03 -3.13 -1.43
N ILE A 148 -8.83 -3.18 -2.74
CA ILE A 148 -8.14 -4.29 -3.36
C ILE A 148 -6.89 -3.82 -4.11
N VAL A 149 -5.84 -4.63 -4.07
CA VAL A 149 -4.58 -4.38 -4.76
C VAL A 149 -4.36 -5.51 -5.77
N GLY A 150 -4.25 -5.17 -7.04
CA GLY A 150 -4.00 -6.17 -8.06
C GLY A 150 -3.99 -5.56 -9.44
N ARG A 151 -3.28 -6.20 -10.36
N ARG A 151 -3.28 -6.23 -10.35
CA ARG A 151 -3.11 -5.67 -11.71
CA ARG A 151 -3.08 -5.76 -11.73
C ARG A 151 -4.42 -5.46 -12.46
C ARG A 151 -4.39 -5.50 -12.48
N LYS A 152 -5.45 -6.24 -12.12
CA LYS A 152 -6.74 -6.11 -12.81
C LYS A 152 -7.60 -4.97 -12.25
N PHE A 153 -7.06 -4.26 -11.27
CA PHE A 153 -7.79 -3.19 -10.58
C PHE A 153 -7.11 -1.84 -10.76
N LEU A 154 -7.71 -0.78 -10.22
CA LEU A 154 -7.06 0.52 -10.27
C LEU A 154 -5.68 0.44 -9.61
N VAL A 155 -4.69 1.11 -10.20
CA VAL A 155 -3.36 1.17 -9.58
C VAL A 155 -3.45 1.97 -8.28
N LYS A 156 -2.88 1.41 -7.20
CA LYS A 156 -3.01 2.02 -5.88
C LYS A 156 -1.69 2.66 -5.41
N VAL A 157 -1.81 3.59 -4.46
CA VAL A 157 -0.68 4.34 -3.93
C VAL A 157 -0.55 4.14 -2.41
N ASN A 158 0.66 3.86 -1.94
CA ASN A 158 0.95 3.83 -0.52
C ASN A 158 1.72 5.06 -0.07
N ALA A 159 1.36 5.62 1.09
CA ALA A 159 2.13 6.68 1.73
C ALA A 159 2.68 6.19 3.07
N ASN A 160 3.90 6.57 3.40
CA ASN A 160 4.50 6.19 4.68
C ASN A 160 4.42 7.31 5.71
N ILE A 161 4.17 6.92 6.96
CA ILE A 161 4.20 7.86 8.08
C ILE A 161 5.11 7.31 9.17
N GLY A 162 5.45 8.17 10.13
CA GLY A 162 6.17 7.74 11.32
C GLY A 162 5.87 8.69 12.46
N ASN A 163 5.85 8.17 13.69
CA ASN A 163 5.55 9.02 14.84
C ASN A 163 6.66 10.04 15.13
N SER A 164 6.34 11.02 15.95
CA SER A 164 7.27 12.10 16.27
C SER A 164 8.47 11.61 17.08
N ALA A 165 9.60 12.30 16.93
CA ALA A 165 10.81 11.98 17.68
C ALA A 165 10.55 12.19 19.17
N VAL A 166 9.78 13.24 19.48
CA VAL A 166 9.37 13.51 20.85
C VAL A 166 7.90 13.15 21.02
N ALA A 167 7.38 13.31 22.23
CA ALA A 167 5.99 12.98 22.52
C ALA A 167 5.04 13.91 21.79
N SER A 168 4.18 13.34 20.94
CA SER A 168 3.19 14.13 20.22
C SER A 168 1.78 13.76 20.69
N SER A 169 0.81 14.62 20.38
CA SER A 169 -0.57 14.37 20.75
C SER A 169 -1.21 13.38 19.78
N ILE A 170 -2.35 12.82 20.16
CA ILE A 170 -3.07 11.89 19.29
C ILE A 170 -3.57 12.62 18.04
N GLU A 171 -3.98 13.87 18.19
CA GLU A 171 -4.41 14.68 17.06
C GLU A 171 -3.30 14.82 16.02
N GLU A 172 -2.09 15.09 16.51
CA GLU A 172 -0.94 15.28 15.63
C GLU A 172 -0.56 14.01 14.89
N GLU A 173 -0.63 12.88 15.56
CA GLU A 173 -0.27 11.62 14.92
C GLU A 173 -1.32 11.19 13.89
N VAL A 174 -2.59 11.28 14.27
CA VAL A 174 -3.68 10.88 13.40
C VAL A 174 -3.80 11.79 12.16
N TYR A 175 -3.43 13.06 12.30
CA TYR A 175 -3.43 13.96 11.15
C TYR A 175 -2.56 13.46 10.00
N LYS A 176 -1.52 12.71 10.33
CA LYS A 176 -0.64 12.19 9.28
C LYS A 176 -1.37 11.26 8.32
N VAL A 177 -2.24 10.40 8.85
N VAL A 177 -2.25 10.40 8.84
CA VAL A 177 -3.02 9.52 8.00
CA VAL A 177 -3.01 9.51 7.97
C VAL A 177 -4.12 10.30 7.29
C VAL A 177 -4.21 10.22 7.34
N GLN A 178 -4.77 11.19 8.04
CA GLN A 178 -5.87 11.97 7.48
C GLN A 178 -5.41 12.79 6.28
N TRP A 179 -4.22 13.37 6.39
CA TRP A 179 -3.67 14.22 5.34
C TRP A 179 -3.29 13.40 4.11
N ALA A 180 -2.55 12.31 4.31
CA ALA A 180 -2.12 11.49 3.18
C ALA A 180 -3.32 10.94 2.42
N THR A 181 -4.34 10.48 3.13
CA THR A 181 -5.52 9.92 2.48
C THR A 181 -6.41 10.99 1.84
N MET A 182 -6.43 12.19 2.42
CA MET A 182 -7.16 13.30 1.81
C MET A 182 -6.72 13.53 0.36
N TRP A 183 -5.42 13.33 0.09
CA TRP A 183 -4.90 13.59 -1.24
C TRP A 183 -4.87 12.35 -2.14
N GLY A 184 -5.27 11.21 -1.59
CA GLY A 184 -5.46 10.02 -2.42
C GLY A 184 -4.69 8.77 -2.03
N ALA A 185 -3.94 8.79 -0.93
CA ALA A 185 -3.25 7.56 -0.52
C ALA A 185 -4.26 6.44 -0.30
N ASP A 186 -3.97 5.26 -0.86
CA ASP A 186 -4.85 4.09 -0.76
C ASP A 186 -4.49 3.20 0.41
N THR A 187 -3.21 3.14 0.74
CA THR A 187 -2.76 2.48 1.97
C THR A 187 -1.76 3.41 2.65
N ILE A 188 -1.51 3.14 3.92
CA ILE A 188 -0.39 3.77 4.58
C ILE A 188 0.46 2.72 5.26
N MET A 189 1.73 3.04 5.50
CA MET A 189 2.52 2.23 6.41
C MET A 189 3.02 3.08 7.57
N ASP A 190 2.94 2.53 8.77
CA ASP A 190 3.46 3.17 9.96
C ASP A 190 4.85 2.61 10.21
N LEU A 191 5.87 3.38 9.84
CA LEU A 191 7.25 2.97 9.90
C LEU A 191 7.96 3.55 11.12
N SER A 192 7.21 3.84 12.18
CA SER A 192 7.77 4.45 13.38
C SER A 192 8.93 3.65 13.96
N THR A 193 9.90 4.38 14.48
CA THR A 193 10.98 3.79 15.25
C THR A 193 11.05 4.50 16.59
N GLY A 194 11.97 4.07 17.42
CA GLY A 194 12.19 4.69 18.71
C GLY A 194 11.10 4.38 19.72
N ARG A 195 10.77 5.38 20.52
CA ARG A 195 9.78 5.22 21.57
C ARG A 195 8.36 5.33 21.03
N HIS A 196 7.44 4.73 21.79
CA HIS A 196 6.01 4.90 21.62
C HIS A 196 5.44 4.23 20.40
N ILE A 197 6.18 3.28 19.82
CA ILE A 197 5.74 2.59 18.61
C ILE A 197 4.35 1.98 18.75
N HIS A 198 4.14 1.20 19.81
CA HIS A 198 2.86 0.51 20.00
C HIS A 198 1.70 1.49 20.20
N GLU A 199 1.91 2.48 21.06
CA GLU A 199 0.85 3.40 21.44
C GLU A 199 0.37 4.24 20.26
N THR A 200 1.30 4.77 19.48
CA THR A 200 0.87 5.63 18.38
C THR A 200 0.29 4.81 17.23
N ARG A 201 0.77 3.59 17.04
CA ARG A 201 0.20 2.72 16.01
C ARG A 201 -1.25 2.38 16.35
N GLU A 202 -1.54 2.22 17.64
CA GLU A 202 -2.91 2.01 18.09
C GLU A 202 -3.78 3.21 17.68
N TRP A 203 -3.28 4.42 17.93
CA TRP A 203 -4.00 5.64 17.54
C TRP A 203 -4.29 5.65 16.04
N ILE A 204 -3.29 5.29 15.24
CA ILE A 204 -3.42 5.26 13.79
C ILE A 204 -4.46 4.24 13.34
N LEU A 205 -4.34 3.00 13.81
CA LEU A 205 -5.27 1.96 13.38
C LEU A 205 -6.73 2.26 13.72
N ARG A 206 -6.97 2.75 14.95
CA ARG A 206 -8.33 3.05 15.37
C ARG A 206 -8.92 4.23 14.58
N ASN A 207 -8.06 5.00 13.93
CA ASN A 207 -8.47 6.19 13.20
C ASN A 207 -8.14 6.14 11.71
N SER A 208 -7.87 4.95 11.19
CA SER A 208 -7.55 4.80 9.78
C SER A 208 -8.58 3.99 9.02
N ALA A 209 -9.16 4.59 7.98
CA ALA A 209 -10.10 3.90 7.11
C ALA A 209 -9.40 3.13 5.99
N VAL A 210 -8.09 3.34 5.84
CA VAL A 210 -7.30 2.64 4.81
C VAL A 210 -6.43 1.55 5.46
N PRO A 211 -6.00 0.56 4.67
CA PRO A 211 -5.10 -0.45 5.25
C PRO A 211 -3.83 0.18 5.80
N VAL A 212 -3.34 -0.40 6.88
CA VAL A 212 -2.11 0.04 7.54
C VAL A 212 -1.12 -1.12 7.54
N GLY A 213 0.03 -0.90 6.92
CA GLY A 213 1.10 -1.88 6.94
C GLY A 213 2.23 -1.47 7.86
N THR A 214 3.08 -2.43 8.20
CA THR A 214 4.29 -2.14 8.96
C THR A 214 5.44 -2.98 8.44
N VAL A 215 6.65 -2.66 8.90
CA VAL A 215 7.81 -3.52 8.72
C VAL A 215 8.17 -4.00 10.12
N PRO A 216 7.69 -5.19 10.51
CA PRO A 216 7.84 -5.59 11.92
C PRO A 216 9.28 -5.68 12.43
N ILE A 217 10.26 -5.90 11.56
CA ILE A 217 11.62 -5.99 12.05
C ILE A 217 12.08 -4.67 12.68
N TYR A 218 11.47 -3.54 12.29
CA TYR A 218 11.85 -2.26 12.91
C TYR A 218 11.56 -2.28 14.41
N GLN A 219 10.35 -2.69 14.79
CA GLN A 219 10.01 -2.71 16.20
C GLN A 219 10.75 -3.83 16.93
N ALA A 220 10.95 -4.96 16.26
CA ALA A 220 11.71 -6.05 16.86
C ALA A 220 13.11 -5.57 17.24
N LEU A 221 13.72 -4.78 16.36
CA LEU A 221 15.05 -4.22 16.63
C LEU A 221 15.01 -3.28 17.85
N GLU A 222 13.95 -2.49 17.95
N GLU A 222 13.95 -2.49 17.95
CA GLU A 222 13.79 -1.59 19.09
CA GLU A 222 13.78 -1.59 19.09
C GLU A 222 13.66 -2.37 20.40
C GLU A 222 13.67 -2.37 20.40
N LYS A 223 12.99 -3.51 20.34
CA LYS A 223 12.82 -4.36 21.53
C LYS A 223 14.15 -4.90 22.04
N VAL A 224 15.13 -5.04 21.15
CA VAL A 224 16.45 -5.47 21.57
C VAL A 224 17.45 -4.31 21.57
N ASP A 225 16.92 -3.11 21.77
CA ASP A 225 17.74 -1.91 21.99
C ASP A 225 18.69 -1.58 20.84
N GLY A 226 18.29 -1.91 19.62
CA GLY A 226 19.06 -1.52 18.44
C GLY A 226 20.23 -2.41 18.13
N ILE A 227 20.34 -3.52 18.85
N ILE A 227 20.35 -3.52 18.85
CA ILE A 227 21.43 -4.48 18.64
CA ILE A 227 21.44 -4.46 18.63
C ILE A 227 20.94 -5.61 17.75
C ILE A 227 20.96 -5.60 17.75
N ALA A 228 21.27 -5.53 16.46
CA ALA A 228 20.78 -6.48 15.47
C ALA A 228 21.15 -7.93 15.83
N GLU A 229 22.33 -8.09 16.41
CA GLU A 229 22.82 -9.40 16.79
C GLU A 229 21.95 -10.06 17.86
N ASN A 230 21.13 -9.27 18.56
CA ASN A 230 20.27 -9.81 19.59
C ASN A 230 18.86 -10.14 19.10
N LEU A 231 18.63 -9.93 17.80
CA LEU A 231 17.40 -10.41 17.19
C LEU A 231 17.44 -11.93 17.09
N ASN A 232 16.26 -12.52 16.94
CA ASN A 232 16.10 -13.94 16.66
C ASN A 232 14.65 -14.19 16.32
N TRP A 233 14.32 -15.41 15.91
CA TRP A 233 12.94 -15.75 15.58
C TRP A 233 11.99 -15.41 16.71
N GLU A 234 12.36 -15.77 17.94
CA GLU A 234 11.42 -15.60 19.03
C GLU A 234 10.97 -14.14 19.25
N VAL A 235 11.90 -13.20 19.26
N VAL A 235 11.94 -13.22 19.27
CA VAL A 235 11.46 -11.83 19.49
CA VAL A 235 11.66 -11.80 19.42
C VAL A 235 10.74 -11.27 18.25
C VAL A 235 10.76 -11.33 18.28
N PHE A 236 11.08 -11.78 17.07
CA PHE A 236 10.34 -11.41 15.87
C PHE A 236 8.90 -11.92 15.93
N ARG A 237 8.75 -13.19 16.34
CA ARG A 237 7.44 -13.83 16.47
C ARG A 237 6.53 -13.05 17.42
N GLU A 238 7.07 -12.66 18.58
CA GLU A 238 6.30 -11.89 19.54
C GLU A 238 5.86 -10.56 18.94
N THR A 239 6.73 -9.95 18.15
CA THR A 239 6.43 -8.68 17.52
C THR A 239 5.30 -8.84 16.50
N LEU A 240 5.37 -9.90 15.69
CA LEU A 240 4.31 -10.17 14.71
C LEU A 240 2.95 -10.30 15.40
N ILE A 241 2.89 -11.06 16.49
CA ILE A 241 1.62 -11.25 17.19
C ILE A 241 1.10 -9.94 17.77
N GLU A 242 1.98 -9.17 18.41
CA GLU A 242 1.60 -7.86 18.95
C GLU A 242 0.96 -6.98 17.87
N GLN A 243 1.61 -6.88 16.73
CA GLN A 243 1.13 -6.01 15.66
C GLN A 243 -0.14 -6.55 15.03
N ALA A 244 -0.20 -7.86 14.84
CA ALA A 244 -1.43 -8.47 14.32
C ALA A 244 -2.64 -8.22 15.23
N GLU A 245 -2.43 -8.34 16.54
CA GLU A 245 -3.52 -8.11 17.50
C GLU A 245 -4.10 -6.70 17.41
N GLN A 246 -3.26 -5.73 17.06
CA GLN A 246 -3.75 -4.35 16.93
C GLN A 246 -4.55 -4.11 15.66
N GLY A 247 -4.32 -4.94 14.64
CA GLY A 247 -5.03 -4.79 13.37
C GLY A 247 -4.17 -4.48 12.15
N VAL A 248 -2.84 -4.58 12.25
CA VAL A 248 -2.00 -4.32 11.08
C VAL A 248 -2.41 -5.22 9.90
N ASP A 249 -2.62 -4.60 8.74
CA ASP A 249 -3.20 -5.31 7.60
C ASP A 249 -2.19 -6.06 6.75
N TYR A 250 -0.95 -5.57 6.73
CA TYR A 250 0.12 -6.27 6.02
C TYR A 250 1.46 -6.01 6.64
N PHE A 251 2.34 -7.02 6.54
CA PHE A 251 3.70 -6.95 7.05
C PHE A 251 4.69 -7.02 5.90
N THR A 252 5.61 -6.07 5.83
CA THR A 252 6.78 -6.25 4.99
C THR A 252 7.79 -7.10 5.74
N ILE A 253 8.15 -8.26 5.18
CA ILE A 253 9.12 -9.16 5.81
C ILE A 253 10.19 -9.54 4.79
N HIS A 254 11.44 -9.29 5.15
CA HIS A 254 12.56 -9.46 4.21
C HIS A 254 13.11 -10.88 4.28
N ALA A 255 12.23 -11.85 4.07
CA ALA A 255 12.59 -13.26 4.20
C ALA A 255 13.40 -13.77 3.01
N GLY A 256 13.55 -12.95 1.97
CA GLY A 256 14.33 -13.35 0.81
C GLY A 256 15.78 -12.89 0.85
N VAL A 257 16.17 -12.22 1.93
CA VAL A 257 17.57 -11.85 2.12
C VAL A 257 18.30 -13.05 2.70
N LEU A 258 18.69 -13.96 1.81
CA LEU A 258 19.35 -15.19 2.24
C LEU A 258 20.84 -14.96 2.47
N LEU A 259 21.41 -15.74 3.39
CA LEU A 259 22.80 -15.61 3.75
C LEU A 259 23.71 -15.63 2.50
N ARG A 260 23.46 -16.57 1.60
CA ARG A 260 24.32 -16.71 0.42
C ARG A 260 24.14 -15.58 -0.61
N TYR A 261 23.09 -14.77 -0.47
CA TYR A 261 22.90 -13.66 -1.40
C TYR A 261 23.67 -12.42 -0.97
N ILE A 262 24.02 -12.35 0.31
CA ILE A 262 24.69 -11.16 0.81
C ILE A 262 26.03 -10.85 0.09
N PRO A 263 26.88 -11.86 -0.15
CA PRO A 263 28.12 -11.55 -0.88
C PRO A 263 27.90 -11.05 -2.30
N LEU A 264 26.72 -11.30 -2.87
CA LEU A 264 26.42 -10.81 -4.21
C LEU A 264 26.38 -9.29 -4.26
N THR A 265 26.31 -8.65 -3.09
CA THR A 265 26.25 -7.19 -3.02
C THR A 265 27.63 -6.53 -2.90
N ALA A 266 28.68 -7.33 -2.82
CA ALA A 266 30.01 -6.82 -2.54
C ALA A 266 30.53 -5.82 -3.57
N LYS A 267 30.15 -6.00 -4.83
CA LYS A 267 30.62 -5.12 -5.91
C LYS A 267 29.66 -3.99 -6.24
N ARG A 268 28.62 -3.84 -5.44
CA ARG A 268 27.65 -2.75 -5.67
C ARG A 268 28.26 -1.37 -5.41
N LEU A 269 27.66 -0.36 -6.03
CA LEU A 269 28.03 1.02 -5.76
C LEU A 269 27.44 1.53 -4.44
N THR A 270 26.20 1.16 -4.14
CA THR A 270 25.53 1.68 -2.95
C THR A 270 25.08 0.58 -1.98
N GLY A 271 25.61 -0.63 -2.15
CA GLY A 271 25.41 -1.70 -1.18
C GLY A 271 23.96 -2.08 -0.94
N ILE A 272 23.64 -2.33 0.33
CA ILE A 272 22.28 -2.67 0.74
C ILE A 272 21.63 -1.40 1.31
N VAL A 273 20.63 -0.88 0.60
CA VAL A 273 19.99 0.36 1.03
C VAL A 273 18.71 0.12 1.82
N SER A 274 18.13 -1.06 1.67
CA SER A 274 16.94 -1.43 2.44
C SER A 274 17.23 -1.39 3.94
N ARG A 275 16.37 -0.72 4.71
N ARG A 275 16.36 -0.72 4.69
CA ARG A 275 16.56 -0.70 6.16
CA ARG A 275 16.51 -0.68 6.15
C ARG A 275 16.38 -2.10 6.76
C ARG A 275 16.37 -2.08 6.75
N GLY A 276 15.25 -2.74 6.46
CA GLY A 276 15.03 -4.09 6.93
C GLY A 276 16.06 -5.07 6.38
N GLY A 277 16.41 -4.91 5.11
CA GLY A 277 17.41 -5.78 4.51
C GLY A 277 18.74 -5.68 5.21
N SER A 278 19.14 -4.46 5.59
N SER A 278 19.14 -4.45 5.55
CA SER A 278 20.42 -4.24 6.25
CA SER A 278 20.40 -4.22 6.26
C SER A 278 20.44 -4.84 7.66
C SER A 278 20.41 -4.93 7.61
N ILE A 279 19.30 -4.84 8.32
CA ILE A 279 19.18 -5.45 9.64
C ILE A 279 19.33 -6.97 9.54
N HIS A 280 18.61 -7.60 8.61
CA HIS A 280 18.73 -9.04 8.42
C HIS A 280 20.15 -9.44 7.99
N ALA A 281 20.74 -8.65 7.10
CA ALA A 281 22.08 -8.95 6.62
C ALA A 281 23.09 -8.92 7.76
N LYS A 282 22.96 -7.91 8.62
CA LYS A 282 23.88 -7.79 9.76
C LYS A 282 23.78 -9.01 10.67
N TRP A 283 22.56 -9.44 10.97
CA TRP A 283 22.34 -10.61 11.81
C TRP A 283 22.91 -11.87 11.14
N CYS A 284 22.61 -12.05 9.85
CA CYS A 284 23.08 -13.22 9.11
C CYS A 284 24.60 -13.32 9.11
N LEU A 285 25.27 -12.20 8.87
CA LEU A 285 26.73 -12.19 8.81
C LEU A 285 27.34 -12.41 10.19
N ALA A 286 26.69 -11.88 11.23
CA ALA A 286 27.22 -12.02 12.58
C ALA A 286 27.30 -13.48 13.00
N TYR A 287 26.32 -14.27 12.58
CA TYR A 287 26.22 -15.65 13.02
C TYR A 287 26.54 -16.68 11.94
N HIS A 288 26.70 -16.21 10.71
CA HIS A 288 26.79 -17.09 9.54
C HIS A 288 25.64 -18.10 9.55
N LYS A 289 24.42 -17.58 9.72
N LYS A 289 24.43 -17.58 9.74
CA LYS A 289 23.23 -18.43 9.80
CA LYS A 289 23.23 -18.40 9.79
C LYS A 289 22.17 -17.91 8.85
C LYS A 289 22.24 -17.93 8.74
N GLU A 290 21.32 -18.81 8.38
CA GLU A 290 20.27 -18.44 7.44
C GLU A 290 19.26 -17.50 8.09
N ASN A 291 18.78 -16.56 7.28
CA ASN A 291 17.73 -15.62 7.65
C ASN A 291 16.62 -16.30 8.47
N PHE A 292 16.37 -15.82 9.69
CA PHE A 292 15.42 -16.49 10.57
C PHE A 292 13.96 -16.37 10.13
N ALA A 293 13.65 -15.31 9.37
CA ALA A 293 12.31 -15.17 8.81
C ALA A 293 12.09 -16.18 7.68
N TYR A 294 13.13 -16.43 6.90
CA TYR A 294 13.06 -17.50 5.91
C TYR A 294 12.90 -18.86 6.60
N GLU A 295 13.74 -19.13 7.59
CA GLU A 295 13.71 -20.43 8.27
C GLU A 295 12.34 -20.71 8.90
N HIS A 296 11.69 -19.65 9.39
CA HIS A 296 10.42 -19.78 10.09
C HIS A 296 9.23 -19.29 9.27
N TRP A 297 9.36 -19.38 7.95
CA TRP A 297 8.30 -18.91 7.07
C TRP A 297 6.97 -19.59 7.40
N ASP A 298 6.99 -20.91 7.59
CA ASP A 298 5.74 -21.63 7.87
C ASP A 298 5.08 -21.13 9.17
N ASP A 299 5.89 -20.81 10.17
CA ASP A 299 5.36 -20.30 11.44
C ASP A 299 4.76 -18.89 11.27
N ILE A 300 5.36 -18.10 10.39
CA ILE A 300 4.80 -16.79 10.05
C ILE A 300 3.44 -16.98 9.39
N LEU A 301 3.33 -17.94 8.49
CA LEU A 301 2.06 -18.21 7.82
C LEU A 301 0.97 -18.59 8.83
N ASP A 302 1.33 -19.37 9.84
CA ASP A 302 0.37 -19.77 10.87
C ASP A 302 -0.22 -18.55 11.61
N ILE A 303 0.62 -17.55 11.86
CA ILE A 303 0.15 -16.33 12.50
C ILE A 303 -0.80 -15.59 11.54
N CYS A 304 -0.36 -15.41 10.30
CA CYS A 304 -1.14 -14.65 9.32
C CYS A 304 -2.53 -15.21 9.10
N ASN A 305 -2.65 -16.53 9.11
CA ASN A 305 -3.91 -17.24 8.91
C ASN A 305 -4.97 -17.00 9.96
N GLN A 306 -4.54 -16.63 11.17
CA GLN A 306 -5.50 -16.42 12.24
C GLN A 306 -6.11 -15.02 12.25
N TYR A 307 -5.42 -14.06 11.63
CA TYR A 307 -5.87 -12.67 11.63
C TYR A 307 -6.27 -12.16 10.24
N ASP A 308 -5.75 -12.83 9.20
CA ASP A 308 -5.63 -12.26 7.85
C ASP A 308 -4.68 -11.06 7.84
N VAL A 309 -3.41 -11.31 8.11
CA VAL A 309 -2.38 -10.34 7.76
C VAL A 309 -1.80 -10.77 6.42
N ALA A 310 -1.78 -9.85 5.46
CA ALA A 310 -1.14 -10.14 4.18
C ALA A 310 0.37 -9.96 4.32
N LEU A 311 1.12 -10.76 3.55
CA LEU A 311 2.57 -10.64 3.55
C LEU A 311 3.04 -9.87 2.33
N SER A 312 3.81 -8.82 2.58
CA SER A 312 4.46 -8.06 1.53
C SER A 312 5.92 -8.48 1.59
N ILE A 313 6.31 -9.37 0.68
CA ILE A 313 7.65 -9.94 0.79
C ILE A 313 8.64 -8.86 0.37
N GLY A 314 9.51 -8.48 1.31
CA GLY A 314 10.37 -7.34 1.11
C GLY A 314 11.42 -7.56 0.04
N ASP A 315 11.97 -6.46 -0.46
CA ASP A 315 13.16 -6.57 -1.32
C ASP A 315 14.34 -5.93 -0.63
N GLY A 316 14.93 -6.69 0.29
CA GLY A 316 16.08 -6.22 1.04
C GLY A 316 17.30 -5.96 0.18
N LEU A 317 17.36 -6.60 -0.99
CA LEU A 317 18.47 -6.40 -1.92
C LEU A 317 18.06 -5.51 -3.10
N ARG A 318 17.12 -4.61 -2.82
N ARG A 318 17.10 -4.63 -2.88
CA ARG A 318 16.75 -3.51 -3.70
CA ARG A 318 16.73 -3.72 -3.94
C ARG A 318 17.98 -2.75 -4.21
C ARG A 318 17.90 -2.81 -4.25
N PRO A 319 18.00 -2.37 -5.50
CA PRO A 319 19.10 -1.50 -5.93
C PRO A 319 18.88 -0.06 -5.45
N GLY A 320 19.91 0.52 -4.85
CA GLY A 320 19.84 1.88 -4.32
C GLY A 320 20.51 2.93 -5.19
N SER A 321 20.94 2.53 -6.39
CA SER A 321 21.56 3.43 -7.35
C SER A 321 21.29 2.85 -8.73
N ILE A 322 21.33 3.71 -9.74
CA ILE A 322 21.17 3.25 -11.11
C ILE A 322 22.23 2.20 -11.44
N TYR A 323 23.46 2.40 -10.93
CA TYR A 323 24.54 1.46 -11.17
C TYR A 323 24.18 0.02 -10.79
N ASP A 324 23.46 -0.15 -9.68
CA ASP A 324 23.15 -1.48 -9.14
C ASP A 324 21.87 -2.11 -9.71
N ALA A 325 21.16 -1.40 -10.59
CA ALA A 325 19.87 -1.89 -11.08
C ALA A 325 19.97 -3.24 -11.79
N ASN A 326 19.03 -4.12 -11.47
CA ASN A 326 18.88 -5.40 -12.17
C ASN A 326 20.12 -6.27 -12.06
N ASP A 327 20.80 -6.19 -10.92
CA ASP A 327 22.00 -6.98 -10.74
C ASP A 327 21.70 -8.38 -10.18
N THR A 328 22.74 -9.18 -10.04
N THR A 328 22.74 -9.19 -10.03
CA THR A 328 22.58 -10.57 -9.61
CA THR A 328 22.57 -10.57 -9.61
C THR A 328 21.90 -10.67 -8.25
C THR A 328 21.92 -10.70 -8.23
N ALA A 329 22.30 -9.81 -7.32
CA ALA A 329 21.73 -9.82 -5.97
C ALA A 329 20.22 -9.56 -5.99
N GLN A 330 19.82 -8.56 -6.77
CA GLN A 330 18.41 -8.19 -6.83
C GLN A 330 17.57 -9.36 -7.33
N PHE A 331 18.03 -10.00 -8.41
CA PHE A 331 17.22 -11.05 -9.00
C PHE A 331 17.30 -12.39 -8.26
N ALA A 332 18.38 -12.60 -7.50
CA ALA A 332 18.46 -13.77 -6.63
C ALA A 332 17.34 -13.70 -5.60
N GLU A 333 17.18 -12.52 -4.99
CA GLU A 333 16.10 -12.32 -4.04
C GLU A 333 14.72 -12.48 -4.68
N LEU A 334 14.56 -11.95 -5.89
CA LEU A 334 13.27 -12.06 -6.60
C LEU A 334 12.87 -13.53 -6.78
N LEU A 335 13.84 -14.36 -7.15
CA LEU A 335 13.57 -15.78 -7.33
C LEU A 335 13.05 -16.40 -6.03
N THR A 336 13.68 -16.05 -4.91
CA THR A 336 13.24 -16.53 -3.61
C THR A 336 11.87 -15.97 -3.20
N GLN A 337 11.59 -14.70 -3.56
N GLN A 337 11.61 -14.70 -3.56
CA GLN A 337 10.28 -14.14 -3.31
CA GLN A 337 10.28 -14.13 -3.33
C GLN A 337 9.19 -15.01 -3.94
C GLN A 337 9.20 -15.04 -3.93
N GLY A 338 9.46 -15.52 -5.14
CA GLY A 338 8.52 -16.41 -5.82
C GLY A 338 8.32 -17.72 -5.07
N GLU A 339 9.39 -18.32 -4.58
CA GLU A 339 9.28 -19.52 -3.75
C GLU A 339 8.42 -19.27 -2.51
N LEU A 340 8.69 -18.16 -1.83
CA LEU A 340 7.98 -17.81 -0.61
C LEU A 340 6.51 -17.52 -0.89
N THR A 341 6.24 -16.92 -2.05
CA THR A 341 4.88 -16.64 -2.50
C THR A 341 4.09 -17.94 -2.64
N ARG A 342 4.64 -18.88 -3.38
CA ARG A 342 3.95 -20.16 -3.59
C ARG A 342 3.74 -20.92 -2.28
N ARG A 343 4.71 -20.84 -1.37
CA ARG A 343 4.57 -21.49 -0.07
C ARG A 343 3.44 -20.85 0.74
N ALA A 344 3.37 -19.52 0.71
CA ALA A 344 2.32 -18.81 1.42
C ALA A 344 0.94 -19.20 0.90
N TRP A 345 0.81 -19.32 -0.42
CA TRP A 345 -0.47 -19.67 -1.03
C TRP A 345 -0.94 -21.07 -0.63
N GLU A 346 0.00 -21.98 -0.36
CA GLU A 346 -0.35 -23.32 0.09
C GLU A 346 -1.10 -23.27 1.41
N LYS A 347 -0.86 -22.22 2.19
N LYS A 347 -0.86 -22.21 2.19
CA LYS A 347 -1.56 -22.03 3.46
CA LYS A 347 -1.52 -22.00 3.47
C LYS A 347 -2.62 -20.95 3.39
C LYS A 347 -2.59 -20.91 3.39
N ASP A 348 -2.95 -20.53 2.16
CA ASP A 348 -3.99 -19.51 1.91
C ASP A 348 -3.67 -18.13 2.46
N VAL A 349 -2.38 -17.81 2.58
CA VAL A 349 -2.00 -16.47 3.02
C VAL A 349 -1.86 -15.52 1.82
N GLN A 350 -2.49 -14.35 1.92
CA GLN A 350 -2.39 -13.33 0.87
C GLN A 350 -0.98 -12.76 0.79
N VAL A 351 -0.50 -12.56 -0.44
CA VAL A 351 0.88 -12.11 -0.68
C VAL A 351 0.97 -11.04 -1.77
N MET A 352 1.81 -10.03 -1.52
CA MET A 352 2.33 -9.22 -2.60
C MET A 352 3.87 -9.21 -2.52
N ASN A 353 4.53 -8.78 -3.59
CA ASN A 353 5.99 -8.78 -3.62
C ASN A 353 6.51 -7.36 -3.76
N GLU A 354 7.53 -7.00 -3.00
CA GLU A 354 8.10 -5.67 -3.10
C GLU A 354 9.21 -5.61 -4.13
N GLY A 355 9.24 -4.51 -4.87
CA GLY A 355 10.18 -4.31 -5.96
C GLY A 355 10.93 -3.00 -5.84
N PRO A 356 11.80 -2.72 -6.82
CA PRO A 356 12.76 -1.61 -6.79
C PRO A 356 12.07 -0.25 -6.75
N GLY A 357 12.75 0.83 -6.37
CA GLY A 357 14.20 0.90 -6.21
C GLY A 357 14.72 1.99 -7.14
N HIS A 358 15.98 1.87 -7.57
CA HIS A 358 16.54 2.76 -8.59
C HIS A 358 16.74 1.92 -9.85
N VAL A 359 16.01 2.26 -10.92
CA VAL A 359 16.07 1.50 -12.17
C VAL A 359 15.92 2.44 -13.36
N PRO A 360 16.90 2.45 -14.27
CA PRO A 360 16.77 3.30 -15.47
C PRO A 360 15.66 2.73 -16.36
N MET A 361 15.07 3.58 -17.19
N MET A 361 15.07 3.57 -17.21
CA MET A 361 13.84 3.19 -17.90
CA MET A 361 13.85 3.20 -17.90
C MET A 361 13.98 1.94 -18.77
C MET A 361 13.97 1.95 -18.77
N HIS A 362 15.12 1.77 -19.42
CA HIS A 362 15.29 0.62 -20.31
C HIS A 362 15.34 -0.71 -19.56
N LYS A 363 15.59 -0.65 -18.25
CA LYS A 363 15.66 -1.84 -17.40
C LYS A 363 14.34 -2.16 -16.70
N ILE A 364 13.35 -1.28 -16.84
CA ILE A 364 12.06 -1.51 -16.20
C ILE A 364 11.32 -2.75 -16.74
N PRO A 365 11.24 -2.93 -18.08
CA PRO A 365 10.51 -4.11 -18.56
C PRO A 365 11.02 -5.46 -18.02
N GLU A 366 12.34 -5.63 -17.92
CA GLU A 366 12.90 -6.87 -17.38
C GLU A 366 12.40 -7.12 -15.96
N ASN A 367 12.27 -6.06 -15.16
CA ASN A 367 11.77 -6.21 -13.81
C ASN A 367 10.37 -6.81 -13.76
N MET A 368 9.50 -6.30 -14.63
CA MET A 368 8.13 -6.79 -14.65
C MET A 368 8.06 -8.19 -15.23
N GLN A 369 8.82 -8.45 -16.29
N GLN A 369 8.83 -8.44 -16.28
CA GLN A 369 8.78 -9.76 -16.93
CA GLN A 369 8.83 -9.73 -16.97
C GLN A 369 9.17 -10.84 -15.94
C GLN A 369 9.23 -10.87 -16.02
N LYS A 370 10.30 -10.65 -15.25
CA LYS A 370 10.76 -11.64 -14.30
C LYS A 370 9.83 -11.79 -13.10
N GLN A 371 9.28 -10.69 -12.60
CA GLN A 371 8.39 -10.82 -11.46
C GLN A 371 7.10 -11.57 -11.83
N LEU A 372 6.52 -11.25 -12.99
CA LEU A 372 5.27 -11.88 -13.39
C LEU A 372 5.45 -13.39 -13.53
N GLU A 373 6.59 -13.79 -14.09
N GLU A 373 6.60 -13.80 -14.07
CA GLU A 373 6.88 -15.21 -14.31
CA GLU A 373 6.86 -15.21 -14.31
C GLU A 373 7.27 -15.91 -13.01
C GLU A 373 7.30 -15.94 -13.03
N TRP A 374 8.30 -15.40 -12.35
CA TRP A 374 8.89 -16.08 -11.20
C TRP A 374 8.00 -16.06 -9.97
N CYS A 375 7.07 -15.11 -9.91
CA CYS A 375 6.20 -14.97 -8.75
C CYS A 375 4.74 -15.23 -9.08
N ASN A 376 4.50 -15.88 -10.22
CA ASN A 376 3.16 -16.38 -10.54
C ASN A 376 2.11 -15.27 -10.50
N GLU A 377 2.48 -14.08 -10.97
CA GLU A 377 1.55 -12.95 -11.08
C GLU A 377 1.01 -12.39 -9.76
N ALA A 378 1.66 -12.69 -8.64
CA ALA A 378 1.30 -12.03 -7.38
C ALA A 378 1.42 -10.53 -7.56
N PRO A 379 0.60 -9.74 -6.86
CA PRO A 379 0.73 -8.28 -6.98
C PRO A 379 2.14 -7.78 -6.67
N PHE A 380 2.60 -6.80 -7.44
CA PHE A 380 3.93 -6.20 -7.30
C PHE A 380 3.76 -4.81 -6.71
N TYR A 381 4.70 -4.44 -5.85
CA TYR A 381 4.63 -3.23 -5.02
C TYR A 381 6.00 -2.56 -5.09
N THR A 382 6.10 -1.47 -5.83
CA THR A 382 7.40 -0.86 -6.10
C THR A 382 7.61 0.43 -5.32
N LEU A 383 8.87 0.78 -5.12
CA LEU A 383 9.24 2.06 -4.53
C LEU A 383 9.77 2.95 -5.66
N GLY A 384 8.87 3.62 -6.35
CA GLY A 384 9.22 4.22 -7.63
C GLY A 384 8.99 3.22 -8.76
N PRO A 385 10.06 2.89 -9.51
CA PRO A 385 11.46 3.23 -9.23
C PRO A 385 11.92 4.61 -9.68
N LEU A 386 12.95 5.12 -9.01
CA LEU A 386 13.66 6.30 -9.46
C LEU A 386 14.41 5.99 -10.75
N THR A 387 14.22 6.84 -11.77
CA THR A 387 14.79 6.56 -13.09
C THR A 387 16.14 7.24 -13.33
N THR A 388 16.59 8.03 -12.35
CA THR A 388 17.89 8.68 -12.38
C THR A 388 18.24 9.13 -10.98
N ASP A 389 19.54 9.24 -10.69
CA ASP A 389 20.03 9.62 -9.36
C ASP A 389 20.38 11.11 -9.27
N ILE A 390 20.19 11.87 -10.35
CA ILE A 390 20.82 13.20 -10.43
C ILE A 390 20.08 14.35 -9.77
N ALA A 391 18.89 14.11 -9.21
CA ALA A 391 18.06 15.23 -8.76
C ALA A 391 17.46 15.08 -7.37
N PRO A 392 18.31 14.87 -6.35
CA PRO A 392 17.76 14.91 -4.99
C PRO A 392 17.04 16.24 -4.76
N GLY A 393 15.88 16.18 -4.11
CA GLY A 393 15.00 17.33 -3.99
C GLY A 393 13.83 17.22 -4.94
N TYR A 394 13.96 16.33 -5.93
CA TYR A 394 12.93 16.15 -6.96
C TYR A 394 12.65 14.68 -7.19
N ASP A 395 12.90 13.85 -6.18
CA ASP A 395 12.76 12.41 -6.42
C ASP A 395 11.32 11.93 -6.49
N HIS A 396 10.37 12.79 -6.13
CA HIS A 396 8.98 12.51 -6.47
C HIS A 396 8.77 12.50 -7.99
N ILE A 397 9.55 13.30 -8.72
CA ILE A 397 9.44 13.36 -10.17
C ILE A 397 10.27 12.28 -10.84
N THR A 398 11.52 12.11 -10.43
CA THR A 398 12.37 11.07 -11.01
C THR A 398 11.70 9.70 -10.84
N SER A 399 11.02 9.51 -9.72
CA SER A 399 10.36 8.24 -9.44
C SER A 399 8.93 8.16 -9.99
N ALA A 400 8.23 9.28 -10.14
CA ALA A 400 6.92 9.23 -10.80
C ALA A 400 7.04 8.68 -12.22
N ILE A 401 8.14 9.02 -12.90
CA ILE A 401 8.38 8.49 -14.24
C ILE A 401 8.47 6.97 -14.19
N GLY A 402 9.27 6.45 -13.26
CA GLY A 402 9.44 5.01 -13.13
C GLY A 402 8.17 4.31 -12.66
N ALA A 403 7.46 4.91 -11.70
CA ALA A 403 6.24 4.35 -11.17
C ALA A 403 5.16 4.27 -12.25
N ALA A 404 5.02 5.32 -13.05
CA ALA A 404 4.04 5.30 -14.12
C ALA A 404 4.37 4.18 -15.11
N ASN A 405 5.65 4.04 -15.46
N ASN A 405 5.65 4.07 -15.47
CA ASN A 405 6.03 3.03 -16.43
CA ASN A 405 6.08 3.05 -16.42
C ASN A 405 5.87 1.61 -15.93
C ASN A 405 5.83 1.63 -15.90
N ILE A 406 6.27 1.35 -14.69
CA ILE A 406 6.15 0.00 -14.15
C ILE A 406 4.68 -0.30 -13.81
N GLY A 407 3.92 0.74 -13.43
CA GLY A 407 2.47 0.62 -13.28
C GLY A 407 1.80 0.24 -14.58
N ALA A 408 2.22 0.87 -15.68
CA ALA A 408 1.64 0.55 -16.99
C ALA A 408 1.88 -0.91 -17.35
N LEU A 409 3.00 -1.47 -16.89
CA LEU A 409 3.34 -2.86 -17.19
C LEU A 409 2.71 -3.88 -16.25
N GLY A 410 2.04 -3.39 -15.21
CA GLY A 410 1.26 -4.28 -14.35
C GLY A 410 1.44 -4.12 -12.85
N THR A 411 2.34 -3.26 -12.40
CA THR A 411 2.57 -3.07 -10.97
C THR A 411 1.32 -2.53 -10.29
N ALA A 412 0.95 -3.16 -9.16
CA ALA A 412 -0.37 -2.94 -8.54
C ALA A 412 -0.40 -1.89 -7.44
N LEU A 413 0.73 -1.71 -6.75
CA LEU A 413 0.82 -0.76 -5.64
C LEU A 413 2.13 0.00 -5.78
N LEU A 414 2.04 1.33 -5.64
CA LEU A 414 3.19 2.21 -5.79
C LEU A 414 3.48 2.90 -4.46
N CYS A 415 4.64 2.61 -3.87
CA CYS A 415 5.04 3.33 -2.67
C CYS A 415 5.56 4.70 -3.06
N TYR A 416 4.96 5.73 -2.48
CA TYR A 416 5.31 7.08 -2.85
C TYR A 416 6.74 7.46 -2.44
N VAL A 417 7.21 8.55 -3.03
CA VAL A 417 8.51 9.13 -2.77
C VAL A 417 8.25 10.63 -2.70
N THR A 418 8.77 11.30 -1.68
CA THR A 418 8.53 12.74 -1.52
C THR A 418 9.74 13.54 -1.99
N PRO A 419 9.58 14.87 -2.13
CA PRO A 419 10.74 15.70 -2.48
C PRO A 419 11.87 15.63 -1.45
N LYS A 420 11.59 15.13 -0.24
CA LYS A 420 12.63 15.03 0.79
C LYS A 420 13.39 13.70 0.78
N GLU A 421 13.09 12.82 -0.17
CA GLU A 421 13.79 11.54 -0.26
C GLU A 421 15.31 11.77 -0.39
N HIS A 422 16.08 11.02 0.38
CA HIS A 422 17.55 11.11 0.46
C HIS A 422 18.06 12.31 1.27
N LEU A 423 17.13 13.13 1.80
CA LEU A 423 17.52 14.41 2.38
C LEU A 423 17.03 14.69 3.80
N GLY A 424 15.76 14.41 4.09
CA GLY A 424 15.21 14.69 5.41
C GLY A 424 13.81 14.17 5.57
N LEU A 425 13.19 14.51 6.71
CA LEU A 425 11.82 14.11 6.99
C LEU A 425 10.83 15.04 6.29
N PRO A 426 9.80 14.47 5.66
CA PRO A 426 8.81 15.27 4.93
C PRO A 426 7.87 16.05 5.84
N ASN A 427 7.63 17.32 5.52
CA ASN A 427 6.57 18.07 6.17
C ASN A 427 5.25 17.85 5.41
N ARG A 428 4.20 18.55 5.80
CA ARG A 428 2.89 18.34 5.17
C ARG A 428 2.88 18.68 3.68
N ASP A 429 3.61 19.73 3.30
CA ASP A 429 3.71 20.10 1.90
C ASP A 429 4.41 19.00 1.10
N ASP A 430 5.46 18.43 1.68
CA ASP A 430 6.21 17.35 1.03
C ASP A 430 5.35 16.10 0.83
N VAL A 431 4.60 15.74 1.87
CA VAL A 431 3.72 14.57 1.79
C VAL A 431 2.68 14.75 0.69
N LYS A 432 2.05 15.92 0.66
CA LYS A 432 1.04 16.20 -0.36
C LYS A 432 1.66 16.11 -1.76
N ALA A 433 2.85 16.68 -1.92
CA ALA A 433 3.54 16.65 -3.22
C ALA A 433 3.78 15.21 -3.66
N GLY A 434 4.20 14.36 -2.74
CA GLY A 434 4.44 12.97 -3.05
C GLY A 434 3.17 12.22 -3.43
N VAL A 435 2.11 12.41 -2.64
CA VAL A 435 0.86 11.71 -2.95
C VAL A 435 0.30 12.14 -4.31
N ILE A 436 0.33 13.44 -4.58
N ILE A 436 0.33 13.44 -4.60
CA ILE A 436 -0.17 13.94 -5.85
CA ILE A 436 -0.20 13.90 -5.88
C ILE A 436 0.62 13.35 -7.03
C ILE A 436 0.62 13.39 -7.07
N ALA A 437 1.95 13.37 -6.91
CA ALA A 437 2.80 12.84 -7.98
C ALA A 437 2.47 11.38 -8.25
N TYR A 438 2.19 10.63 -7.18
CA TYR A 438 1.90 9.22 -7.30
C TYR A 438 0.48 8.94 -7.81
N LYS A 439 -0.48 9.80 -7.46
CA LYS A 439 -1.81 9.67 -8.04
C LYS A 439 -1.75 9.93 -9.55
N ILE A 440 -0.90 10.86 -9.97
CA ILE A 440 -0.67 11.11 -11.39
C ILE A 440 -0.11 9.85 -12.04
N ALA A 441 0.96 9.28 -11.45
CA ALA A 441 1.56 8.08 -12.02
C ALA A 441 0.56 6.94 -12.10
N ALA A 442 -0.21 6.75 -11.03
CA ALA A 442 -1.17 5.64 -10.97
C ALA A 442 -2.25 5.79 -12.04
N HIS A 443 -2.80 6.99 -12.17
CA HIS A 443 -3.84 7.21 -13.16
C HIS A 443 -3.30 7.13 -14.59
N ALA A 444 -2.09 7.65 -14.81
CA ALA A 444 -1.46 7.53 -16.12
C ALA A 444 -1.30 6.05 -16.50
N ALA A 445 -0.96 5.23 -15.51
CA ALA A 445 -0.86 3.79 -15.72
C ALA A 445 -2.23 3.18 -16.01
N ASP A 446 -3.27 3.59 -15.28
CA ASP A 446 -4.63 3.11 -15.57
C ASP A 446 -5.00 3.41 -17.03
N LEU A 447 -4.69 4.61 -17.51
CA LEU A 447 -4.96 4.94 -18.91
C LEU A 447 -4.19 4.03 -19.85
N ALA A 448 -2.91 3.82 -19.56
CA ALA A 448 -2.05 3.00 -20.42
C ALA A 448 -2.56 1.56 -20.51
N LYS A 449 -3.18 1.07 -19.45
CA LYS A 449 -3.73 -0.28 -19.41
C LYS A 449 -5.13 -0.34 -19.99
N GLN A 450 -5.65 0.81 -20.42
CA GLN A 450 -7.02 0.91 -20.91
C GLN A 450 -8.01 0.41 -19.87
N HIS A 451 -7.75 0.74 -18.62
CA HIS A 451 -8.61 0.29 -17.54
C HIS A 451 -10.00 0.90 -17.73
N PRO A 452 -11.07 0.09 -17.56
CA PRO A 452 -12.42 0.58 -17.85
C PRO A 452 -12.75 1.90 -17.19
N HIS A 453 -13.21 2.86 -18.00
CA HIS A 453 -13.71 4.15 -17.54
C HIS A 453 -12.66 5.13 -16.98
N ALA A 454 -11.39 4.76 -16.99
CA ALA A 454 -10.37 5.66 -16.45
C ALA A 454 -10.32 6.97 -17.22
N GLN A 455 -10.47 6.92 -18.54
CA GLN A 455 -10.36 8.12 -19.35
C GLN A 455 -11.54 9.08 -19.15
N ALA A 456 -12.63 8.61 -18.54
CA ALA A 456 -13.78 9.48 -18.33
C ALA A 456 -13.42 10.69 -17.48
N TRP A 457 -12.48 10.49 -16.56
CA TRP A 457 -12.00 11.58 -15.72
C TRP A 457 -11.27 12.63 -16.56
N ASP A 458 -10.29 12.20 -17.35
CA ASP A 458 -9.59 13.12 -18.24
C ASP A 458 -10.55 13.85 -19.15
N ASP A 459 -11.54 13.11 -19.68
CA ASP A 459 -12.47 13.69 -20.63
C ASP A 459 -13.33 14.77 -19.97
N ALA A 460 -13.79 14.51 -18.75
CA ALA A 460 -14.61 15.50 -18.05
C ALA A 460 -13.83 16.80 -17.80
N LEU A 461 -12.58 16.68 -17.37
CA LEU A 461 -11.79 17.88 -17.11
C LEU A 461 -11.49 18.61 -18.42
N SER A 462 -11.13 17.87 -19.45
CA SER A 462 -10.82 18.48 -20.75
C SER A 462 -12.05 19.14 -21.37
N LYS A 463 -13.23 18.55 -21.19
CA LYS A 463 -14.45 19.17 -21.69
C LYS A 463 -14.69 20.49 -20.96
N ALA A 464 -14.48 20.49 -19.64
CA ALA A 464 -14.62 21.73 -18.86
C ALA A 464 -13.63 22.80 -19.33
N ARG A 465 -12.40 22.38 -19.61
CA ARG A 465 -11.38 23.28 -20.12
C ARG A 465 -11.81 23.89 -21.47
N PHE A 466 -12.27 23.05 -22.39
CA PHE A 466 -12.65 23.51 -23.72
C PHE A 466 -13.82 24.50 -23.66
N GLU A 467 -14.70 24.29 -22.70
CA GLU A 467 -15.93 25.07 -22.58
C GLU A 467 -15.80 26.25 -21.61
N PHE A 468 -14.59 26.46 -21.09
CA PHE A 468 -14.29 27.57 -20.19
C PHE A 468 -15.11 27.51 -18.89
N ARG A 469 -15.45 26.29 -18.48
CA ARG A 469 -16.09 26.08 -17.19
C ARG A 469 -14.99 25.93 -16.14
N TRP A 470 -14.41 27.07 -15.75
CA TRP A 470 -13.20 27.08 -14.94
C TRP A 470 -13.35 26.38 -13.59
N MET A 471 -14.41 26.71 -12.86
N MET A 471 -14.41 26.71 -12.86
CA MET A 471 -14.63 26.10 -11.55
CA MET A 471 -14.63 26.10 -11.55
C MET A 471 -14.75 24.59 -11.70
C MET A 471 -14.84 24.59 -11.65
N ASP A 472 -15.47 24.14 -12.72
CA ASP A 472 -15.63 22.71 -12.98
C ASP A 472 -14.27 22.06 -13.23
N GLN A 473 -13.45 22.70 -14.07
CA GLN A 473 -12.12 22.19 -14.34
C GLN A 473 -11.34 21.99 -13.04
N PHE A 474 -11.35 23.01 -12.19
CA PHE A 474 -10.61 22.95 -10.93
C PHE A 474 -11.19 21.87 -10.01
N ALA A 475 -12.52 21.84 -9.91
CA ALA A 475 -13.18 20.89 -9.03
C ALA A 475 -12.90 19.44 -9.41
N LEU A 476 -12.69 19.20 -10.71
CA LEU A 476 -12.44 17.85 -11.22
C LEU A 476 -10.99 17.40 -11.06
N SER A 477 -10.09 18.31 -10.68
N SER A 477 -10.12 18.33 -10.67
CA SER A 477 -8.67 17.99 -10.71
CA SER A 477 -8.67 18.09 -10.63
C SER A 477 -8.21 17.32 -9.41
C SER A 477 -8.24 17.27 -9.42
N LEU A 478 -6.99 16.81 -9.43
CA LEU A 478 -6.42 16.14 -8.26
C LEU A 478 -6.26 17.07 -7.08
N ASP A 479 -6.04 18.36 -7.35
CA ASP A 479 -5.77 19.33 -6.31
C ASP A 479 -6.41 20.65 -6.69
N PRO A 480 -7.74 20.77 -6.45
CA PRO A 480 -8.51 21.93 -6.92
C PRO A 480 -7.98 23.29 -6.51
N MET A 481 -7.57 23.44 -5.25
CA MET A 481 -7.18 24.76 -4.77
C MET A 481 -5.86 25.25 -5.34
N THR A 482 -4.97 24.32 -5.69
CA THR A 482 -3.73 24.71 -6.37
C THR A 482 -4.04 25.23 -7.77
N ALA A 483 -4.88 24.50 -8.50
CA ALA A 483 -5.26 24.93 -9.84
C ALA A 483 -5.95 26.29 -9.77
N MET A 484 -6.88 26.46 -8.84
N MET A 484 -6.86 26.44 -8.82
CA MET A 484 -7.61 27.70 -8.72
CA MET A 484 -7.58 27.70 -8.59
C MET A 484 -6.69 28.86 -8.35
C MET A 484 -6.62 28.85 -8.29
N SER A 485 -5.78 28.63 -7.41
N SER A 485 -5.71 28.64 -7.34
CA SER A 485 -4.86 29.66 -6.97
CA SER A 485 -4.79 29.69 -6.93
C SER A 485 -3.89 30.07 -8.08
C SER A 485 -3.81 30.08 -8.03
N PHE A 486 -3.35 29.08 -8.80
CA PHE A 486 -2.43 29.35 -9.89
C PHE A 486 -3.10 30.17 -10.98
N HIS A 487 -4.37 29.91 -11.22
CA HIS A 487 -5.13 30.65 -12.23
C HIS A 487 -5.36 32.09 -11.77
N ASP A 488 -5.53 32.26 -10.46
CA ASP A 488 -5.76 33.58 -9.88
C ASP A 488 -4.45 34.37 -9.74
C5 IRN B . 8.16 -0.79 -1.30
C5 IRN B . 8.11 -0.95 -1.52
C4 IRN B . 8.85 -1.51 -2.24
C4 IRN B . 8.77 -1.73 -2.43
N3 IRN B . 10.08 -1.71 -1.73
N3 IRN B . 10.04 -1.87 -1.99
C2 IRN B . 10.15 -1.12 -0.54
C2 IRN B . 10.14 -1.20 -0.84
N1 IRN B . 8.98 -0.56 -0.27
N1 IRN B . 8.98 -0.64 -0.54
C1' IRN B . 8.60 0.18 0.94
C1' IRN B . 8.64 0.20 0.61
O4' IRN B . 9.71 0.88 1.41
O4' IRN B . 9.74 0.16 1.48
C2' IRN B . 8.23 -0.73 2.08
C2' IRN B . 7.45 -0.28 1.40
O2' IRN B . 6.93 -1.25 1.96
O2' IRN B . 6.85 0.79 2.08
C3' IRN B . 8.45 0.19 3.27
C3' IRN B . 8.15 -1.28 2.29
O3' IRN B . 7.41 1.17 3.29
O3' IRN B . 7.45 -1.34 3.51
C4' IRN B . 9.67 1.00 2.81
C4' IRN B . 9.38 -0.47 2.67
C5' IRN B . 11.04 0.69 3.41
C5' IRN B . 10.55 -1.18 3.32
O5' IRN B . 11.35 -0.64 3.26
O5' IRN B . 11.67 -0.40 3.46
P IRN B . 12.82 -1.24 3.60
P IRN B . 13.08 -1.11 3.72
O6 IRN B . 13.01 -2.38 2.69
O6 IRN B . 13.13 -2.25 2.78
O7 IRN B . 12.83 -1.65 5.03
O7 IRN B . 13.08 -1.57 5.14
O8 IRN B . 13.72 -0.14 3.30
O8 IRN B . 14.04 -0.08 3.42
FE FE2 C . 17.13 5.60 -2.89
C1 BU1 D . -1.18 -17.69 16.40
C2 BU1 D . -0.03 -18.01 17.34
C3 BU1 D . 0.91 -19.07 16.79
C4 BU1 D . 2.14 -19.25 17.67
O5 BU1 D . -2.40 -18.10 17.00
O6 BU1 D . 3.17 -18.39 17.23
#